data_6JWJ
#
_entry.id   6JWJ
#
_cell.length_a   74.005
_cell.length_b   82.546
_cell.length_c   94.1
_cell.angle_alpha   90.0
_cell.angle_beta   90.0
_cell.angle_gamma   90.0
#
_symmetry.space_group_name_H-M   'P 21 21 21'
#
loop_
_entity.id
_entity.type
_entity.pdbx_description
1 polymer 'Nuclear protein localization protein 4'
2 polymer 'Peptide from Ubiquitin fusion degradation protein 1'
3 non-polymer 'ZINC ION'
4 non-polymer GLYCEROL
5 water water
#
loop_
_entity_poly.entity_id
_entity_poly.type
_entity_poly.pdbx_seq_one_letter_code
_entity_poly.pdbx_strand_id
1 'polypeptide(L)'
;GPLGSIKELAVDEELAAADGLIPRQKSKLCKHGDRGMCEYCSPLPPWDKEYHEKNKIKHISFHSYLKKLNENANKKENGS
SYISPLSEPDFRINKRCHNGHEPWPRGICSKCQPSAITLQQQEFRMVDHVEFQKSEIINEFIQAWRYTGMQRFGYMYGSY
SKYDNTPLGIKAVVEAIYEPPQHDEQDGLTMDVEQVKNEMLQIDRQAQEMGLSRIGLIFTDLSDAGAGDGSVFCKRHKDS
FFLSSLEVIMAARHQTRHPNVSKYSEQGFFSSKFVTCVISGNLEGEIDISSYQVSTEAEALVTADMISGSTFPSMAYIND
TTDERYVPEIFYMKSNEYGITVKENAKPAFPVDYLLVTLTHGFPNTDTETNSKFVSSTGFPWSNRQAMGQSQDYQELKKY
LFNVASSGDFNLLHEKISNFHLLLYINSLQILSPDEWKLLIESAVKNEWEESLLKLVSSAGWQTLVMILQESG
;
A
2 'polypeptide(L)' GPGHMEPAKLDLPEGQLFFGFPM C
#
loop_
_chem_comp.id
_chem_comp.type
_chem_comp.name
_chem_comp.formula
GOL non-polymer GLYCEROL 'C3 H8 O3'
ZN non-polymer 'ZINC ION' 'Zn 2'
#
# COMPACT_ATOMS: atom_id res chain seq x y z
N SER A 5 8.45 -13.20 16.14
CA SER A 5 7.60 -12.38 16.99
C SER A 5 6.38 -11.85 16.24
N ILE A 6 5.34 -11.51 16.99
CA ILE A 6 4.09 -11.01 16.39
C ILE A 6 3.54 -9.80 17.15
N LYS A 7 4.42 -8.87 17.50
CA LYS A 7 3.98 -7.68 18.22
C LYS A 7 3.45 -6.63 17.24
N GLU A 8 2.71 -5.67 17.78
CA GLU A 8 2.23 -4.56 16.98
C GLU A 8 3.36 -3.61 16.60
N LEU A 9 3.17 -2.88 15.51
CA LEU A 9 4.11 -1.85 15.10
C LEU A 9 4.17 -0.73 16.11
N ALA A 10 5.32 -0.07 16.18
CA ALA A 10 5.50 1.05 17.10
C ALA A 10 4.45 2.13 16.89
N VAL A 11 4.08 2.40 15.65
CA VAL A 11 3.14 3.50 15.40
C VAL A 11 1.79 3.16 16.02
N ASP A 12 1.43 1.89 16.02
CA ASP A 12 0.15 1.48 16.58
C ASP A 12 0.15 1.61 18.10
N GLU A 13 1.27 1.23 18.72
CA GLU A 13 1.41 1.36 20.16
C GLU A 13 1.34 2.83 20.57
N GLU A 14 2.00 3.68 19.78
CA GLU A 14 2.00 5.12 20.05
C GLU A 14 0.61 5.72 19.93
N LEU A 15 -0.13 5.36 18.87
CA LEU A 15 -1.43 5.98 18.66
C LEU A 15 -2.49 5.47 19.63
N ALA A 16 -2.35 4.22 20.07
CA ALA A 16 -3.23 3.69 21.13
C ALA A 16 -3.09 4.51 22.40
N ALA A 17 -1.89 5.05 22.64
CA ALA A 17 -1.58 5.81 23.84
C ALA A 17 -1.96 7.30 23.73
N ALA A 18 -2.42 7.71 22.56
CA ALA A 18 -2.84 9.09 22.35
C ALA A 18 -4.36 9.13 22.55
N ASP A 19 -4.93 10.25 22.96
CA ASP A 19 -6.38 10.19 23.11
C ASP A 19 -7.08 10.86 21.93
N GLY A 20 -6.43 11.81 21.27
CA GLY A 20 -6.95 12.35 20.01
C GLY A 20 -8.11 13.33 20.14
N LEU A 21 -8.36 13.81 21.36
CA LEU A 21 -9.44 14.76 21.60
C LEU A 21 -9.35 16.04 20.77
N ILE A 22 -10.51 16.57 20.38
CA ILE A 22 -10.57 17.80 19.62
C ILE A 22 -11.38 18.86 20.34
N PRO A 23 -10.71 19.82 20.99
CA PRO A 23 -11.47 20.82 21.74
C PRO A 23 -12.37 21.66 20.84
N ARG A 24 -13.50 22.09 21.39
CA ARG A 24 -14.47 22.95 20.73
C ARG A 24 -14.66 24.27 21.48
N GLN A 25 -15.33 25.20 20.84
CA GLN A 25 -15.70 26.46 21.47
C GLN A 25 -17.04 26.31 22.20
N LYS A 26 -17.24 27.07 23.27
CA LYS A 26 -18.54 27.06 23.92
C LYS A 26 -19.51 27.73 22.97
N SER A 27 -20.79 27.41 23.08
CA SER A 27 -21.76 27.87 22.11
C SER A 27 -22.73 28.89 22.66
N LYS A 28 -23.33 29.68 21.78
CA LYS A 28 -24.40 30.58 22.18
C LYS A 28 -25.56 29.78 22.73
N LEU A 29 -25.68 28.55 22.25
CA LEU A 29 -26.81 27.70 22.54
C LEU A 29 -26.65 26.87 23.83
N CYS A 30 -25.44 26.86 24.38
CA CYS A 30 -25.18 26.15 25.63
C CYS A 30 -26.08 26.69 26.74
N LYS A 31 -26.60 25.81 27.58
CA LYS A 31 -27.57 26.19 28.61
C LYS A 31 -26.95 26.38 29.98
N HIS A 32 -25.63 26.20 30.10
CA HIS A 32 -24.97 26.40 31.38
C HIS A 32 -24.48 27.84 31.50
N GLY A 33 -23.73 28.11 32.58
CA GLY A 33 -23.33 29.46 32.90
C GLY A 33 -22.33 30.11 31.96
N ASP A 34 -21.71 31.19 32.44
CA ASP A 34 -20.69 31.89 31.70
C ASP A 34 -19.41 31.06 31.64
N ARG A 35 -19.27 30.15 32.61
CA ARG A 35 -18.16 29.21 32.62
C ARG A 35 -18.67 27.78 32.75
N GLY A 36 -17.79 26.82 32.49
CA GLY A 36 -18.16 25.43 32.59
C GLY A 36 -18.14 24.74 31.24
N MET A 37 -18.81 23.59 31.17
CA MET A 37 -18.80 22.78 29.98
C MET A 37 -20.01 21.87 29.94
N CYS A 38 -20.40 21.44 28.74
CA CYS A 38 -21.49 20.49 28.58
C CYS A 38 -21.23 19.61 27.36
N GLU A 39 -22.16 18.70 27.08
CA GLU A 39 -22.01 17.77 25.97
C GLU A 39 -22.01 18.48 24.61
N TYR A 40 -22.50 19.71 24.59
CA TYR A 40 -22.58 20.49 23.35
C TYR A 40 -21.30 21.27 23.04
N CYS A 41 -20.46 21.50 24.05
CA CYS A 41 -19.21 22.26 23.84
C CYS A 41 -17.96 21.50 24.30
N SER A 42 -18.16 20.28 24.80
CA SER A 42 -17.07 19.46 25.28
C SER A 42 -16.21 18.95 24.11
N PRO A 43 -14.95 18.57 24.40
CA PRO A 43 -14.10 18.12 23.30
C PRO A 43 -14.69 16.94 22.53
N LEU A 44 -14.48 16.97 21.22
CA LEU A 44 -14.93 15.90 20.33
C LEU A 44 -14.02 14.69 20.42
N PRO A 45 -14.58 13.49 20.24
CA PRO A 45 -13.75 12.30 20.12
C PRO A 45 -13.05 12.31 18.77
N PRO A 46 -11.94 11.56 18.63
CA PRO A 46 -11.17 11.63 17.39
C PRO A 46 -11.92 11.10 16.16
N TRP A 47 -12.99 10.34 16.37
CA TRP A 47 -13.73 9.77 15.25
C TRP A 47 -14.88 10.64 14.79
N ASP A 48 -15.03 11.83 15.38
CA ASP A 48 -16.25 12.63 15.16
C ASP A 48 -16.57 12.84 13.68
N LYS A 49 -17.73 12.36 13.26
CA LYS A 49 -18.08 12.37 11.85
C LYS A 49 -18.15 13.78 11.29
N GLU A 50 -18.85 14.65 12.00
CA GLU A 50 -19.03 16.03 11.55
C GLU A 50 -17.68 16.75 11.42
N TYR A 51 -16.75 16.49 12.33
CA TYR A 51 -15.42 17.09 12.23
C TYR A 51 -14.75 16.71 10.92
N HIS A 52 -14.85 15.43 10.57
CA HIS A 52 -14.20 14.94 9.36
C HIS A 52 -14.88 15.50 8.12
N GLU A 53 -16.22 15.56 8.12
CA GLU A 53 -16.95 16.16 7.01
C GLU A 53 -16.55 17.62 6.85
N LYS A 54 -16.46 18.33 7.97
CA LYS A 54 -16.13 19.75 7.99
C LYS A 54 -14.75 20.04 7.41
N ASN A 55 -13.78 19.18 7.72
CA ASN A 55 -12.42 19.38 7.25
C ASN A 55 -12.08 18.56 6.00
N LYS A 56 -13.11 18.04 5.34
CA LYS A 56 -12.98 17.34 4.05
C LYS A 56 -12.09 16.09 4.16
N ILE A 57 -12.14 15.42 5.30
CA ILE A 57 -11.40 14.17 5.48
C ILE A 57 -12.32 13.00 5.15
N LYS A 58 -11.95 12.24 4.13
CA LYS A 58 -12.87 11.28 3.52
C LYS A 58 -13.14 10.02 4.33
N HIS A 59 -12.20 9.64 5.20
CA HIS A 59 -12.34 8.47 6.04
C HIS A 59 -11.72 8.80 7.40
N ILE A 60 -12.24 8.20 8.47
CA ILE A 60 -11.57 8.34 9.76
C ILE A 60 -10.37 7.40 9.80
N SER A 61 -9.39 7.70 10.65
CA SER A 61 -8.23 6.84 10.76
C SER A 61 -8.56 5.52 11.45
N PHE A 62 -7.66 4.55 11.29
CA PHE A 62 -7.83 3.26 11.95
C PHE A 62 -7.92 3.42 13.47
N HIS A 63 -7.04 4.21 14.07
CA HIS A 63 -7.10 4.29 15.52
C HIS A 63 -8.29 5.11 16.02
N SER A 64 -8.77 6.05 15.23
CA SER A 64 -10.03 6.71 15.57
C SER A 64 -11.16 5.67 15.58
N TYR A 65 -11.18 4.83 14.55
CA TYR A 65 -12.20 3.80 14.42
C TYR A 65 -12.15 2.81 15.59
N LEU A 66 -10.95 2.35 15.95
CA LEU A 66 -10.80 1.39 17.04
C LEU A 66 -11.26 2.01 18.35
N LYS A 67 -10.93 3.28 18.58
CA LYS A 67 -11.37 3.92 19.82
C LYS A 67 -12.90 4.07 19.84
N LYS A 68 -13.49 4.24 18.66
CA LYS A 68 -14.94 4.35 18.54
C LYS A 68 -15.59 3.01 18.92
N LEU A 69 -15.04 1.92 18.42
CA LEU A 69 -15.54 0.59 18.75
C LEU A 69 -15.42 0.31 20.24
N ASN A 70 -14.29 0.72 20.83
CA ASN A 70 -14.04 0.48 22.25
C ASN A 70 -15.05 1.21 23.12
N GLU A 71 -15.40 2.43 22.72
CA GLU A 71 -16.34 3.22 23.49
C GLU A 71 -17.73 2.59 23.46
N ASN A 72 -18.10 2.03 22.32
CA ASN A 72 -19.37 1.35 22.18
C ASN A 72 -19.40 0.05 22.98
N ALA A 73 -18.27 -0.63 23.01
CA ALA A 73 -18.14 -1.87 23.77
C ALA A 73 -18.27 -1.61 25.27
N ASN A 74 -17.70 -0.49 25.72
CA ASN A 74 -17.70 -0.16 27.14
C ASN A 74 -19.09 0.23 27.66
N LYS A 75 -20.08 0.22 26.76
CA LYS A 75 -21.45 0.50 27.13
C LYS A 75 -22.22 -0.77 27.52
N LYS A 76 -21.56 -1.93 27.37
CA LYS A 76 -22.16 -3.18 27.82
C LYS A 76 -22.21 -3.22 29.35
N GLU A 77 -23.20 -3.91 29.90
CA GLU A 77 -23.28 -4.08 31.33
C GLU A 77 -22.08 -4.90 31.80
N ASN A 78 -21.46 -4.47 32.90
CA ASN A 78 -20.19 -5.05 33.33
C ASN A 78 -20.31 -6.51 33.78
N GLY A 79 -19.19 -7.23 33.69
CA GLY A 79 -19.18 -8.66 34.00
C GLY A 79 -19.28 -9.50 32.74
N SER A 80 -19.96 -8.96 31.73
CA SER A 80 -20.13 -9.67 30.46
C SER A 80 -18.79 -10.07 29.86
N SER A 81 -18.77 -11.18 29.13
CA SER A 81 -17.54 -11.72 28.58
C SER A 81 -16.87 -10.74 27.60
N TYR A 82 -15.55 -10.69 27.62
CA TYR A 82 -14.82 -9.81 26.71
C TYR A 82 -14.92 -10.29 25.27
N ILE A 83 -15.14 -9.35 24.37
CA ILE A 83 -15.15 -9.64 22.95
C ILE A 83 -14.16 -8.71 22.27
N SER A 84 -13.28 -9.26 21.43
CA SER A 84 -12.36 -8.43 20.66
C SER A 84 -13.17 -7.47 19.80
N PRO A 85 -12.81 -6.18 19.84
CA PRO A 85 -13.58 -5.19 19.07
C PRO A 85 -13.45 -5.36 17.54
N LEU A 86 -12.35 -5.97 17.09
CA LEU A 86 -12.10 -6.15 15.65
C LEU A 86 -12.20 -7.61 15.24
N SER A 87 -12.69 -7.82 14.02
CA SER A 87 -12.70 -9.15 13.44
C SER A 87 -12.59 -9.02 11.93
N GLU A 88 -11.70 -9.78 11.31
CA GLU A 88 -11.62 -9.78 9.85
C GLU A 88 -12.85 -10.49 9.31
N PRO A 89 -13.57 -9.85 8.39
CA PRO A 89 -14.75 -10.53 7.82
C PRO A 89 -14.32 -11.78 7.07
N ASP A 90 -15.16 -12.81 7.09
CA ASP A 90 -14.87 -14.08 6.42
C ASP A 90 -16.16 -14.54 5.74
N PHE A 91 -16.14 -14.60 4.42
CA PHE A 91 -17.33 -14.95 3.63
C PHE A 91 -17.27 -16.38 3.08
N ARG A 92 -16.24 -17.11 3.47
CA ARG A 92 -16.02 -18.44 2.93
C ARG A 92 -16.97 -19.46 3.54
N ILE A 93 -17.54 -20.32 2.72
CA ILE A 93 -18.32 -21.42 3.25
C ILE A 93 -17.37 -22.43 3.91
N ASN A 94 -17.80 -22.98 5.04
CA ASN A 94 -17.07 -24.06 5.69
C ASN A 94 -17.32 -25.37 4.98
N LYS A 95 -16.35 -25.81 4.18
CA LYS A 95 -16.51 -27.03 3.40
C LYS A 95 -16.18 -28.27 4.20
N ARG A 96 -16.02 -28.11 5.52
CA ARG A 96 -15.85 -29.26 6.39
C ARG A 96 -16.87 -29.32 7.51
N CYS A 97 -18.07 -28.79 7.28
CA CYS A 97 -19.11 -28.83 8.30
C CYS A 97 -19.89 -30.14 8.24
N HIS A 98 -19.93 -30.85 9.36
CA HIS A 98 -20.68 -32.08 9.47
C HIS A 98 -21.78 -31.95 10.50
N ASN A 99 -22.35 -30.75 10.62
CA ASN A 99 -23.39 -30.50 11.62
C ASN A 99 -24.76 -31.03 11.19
N GLY A 100 -24.96 -32.34 11.31
CA GLY A 100 -26.19 -32.97 10.89
C GLY A 100 -26.36 -33.08 9.37
N HIS A 101 -25.26 -32.91 8.63
CA HIS A 101 -25.27 -33.04 7.19
C HIS A 101 -23.87 -33.33 6.66
N GLU A 102 -23.78 -33.70 5.39
CA GLU A 102 -22.50 -33.82 4.71
C GLU A 102 -22.09 -32.46 4.17
N PRO A 103 -20.78 -32.16 4.16
CA PRO A 103 -20.31 -30.83 3.77
C PRO A 103 -20.64 -30.44 2.34
N TRP A 104 -20.67 -29.12 2.10
CA TRP A 104 -20.84 -28.54 0.78
C TRP A 104 -20.02 -29.24 -0.30
N PRO A 105 -20.64 -29.53 -1.47
CA PRO A 105 -22.00 -29.19 -1.91
C PRO A 105 -23.07 -30.25 -1.60
N ARG A 106 -22.82 -31.09 -0.61
CA ARG A 106 -23.73 -32.20 -0.36
C ARG A 106 -24.66 -31.91 0.82
N GLY A 107 -24.55 -30.72 1.40
CA GLY A 107 -25.42 -30.34 2.50
C GLY A 107 -25.06 -28.95 2.97
N ILE A 108 -25.91 -28.39 3.84
CA ILE A 108 -25.72 -27.02 4.30
C ILE A 108 -26.54 -26.81 5.58
N CYS A 109 -26.08 -25.89 6.44
CA CYS A 109 -26.81 -25.54 7.66
C CYS A 109 -26.47 -24.11 8.08
N SER A 110 -27.15 -23.60 9.10
CA SER A 110 -26.95 -22.21 9.52
C SER A 110 -25.53 -21.93 10.03
N LYS A 111 -24.84 -22.97 10.49
CA LYS A 111 -23.49 -22.80 11.00
C LYS A 111 -22.43 -22.69 9.89
N CYS A 112 -22.70 -23.22 8.71
CA CYS A 112 -21.66 -23.21 7.67
C CYS A 112 -22.01 -22.32 6.46
N GLN A 113 -23.29 -22.04 6.29
CA GLN A 113 -23.79 -21.28 5.14
C GLN A 113 -23.62 -19.77 5.30
N PRO A 114 -22.85 -19.15 4.40
CA PRO A 114 -22.67 -17.71 4.41
C PRO A 114 -24.02 -17.01 4.29
N SER A 115 -24.29 -16.00 5.10
CA SER A 115 -25.53 -15.27 4.90
C SER A 115 -25.31 -14.14 3.89
N ALA A 116 -26.40 -13.44 3.54
CA ALA A 116 -26.33 -12.36 2.56
C ALA A 116 -25.29 -11.33 2.97
N ILE A 117 -24.55 -10.86 1.98
CA ILE A 117 -23.49 -9.87 2.16
C ILE A 117 -24.02 -8.51 1.75
N THR A 118 -23.76 -7.51 2.58
CA THR A 118 -24.09 -6.15 2.21
C THR A 118 -22.81 -5.30 2.16
N LEU A 119 -22.50 -4.78 0.98
CA LEU A 119 -21.29 -3.97 0.81
C LEU A 119 -21.60 -2.48 1.00
N GLN A 120 -20.70 -1.75 1.64
CA GLN A 120 -20.86 -0.30 1.70
C GLN A 120 -19.49 0.37 1.74
N GLN A 121 -19.45 1.66 1.44
CA GLN A 121 -18.19 2.41 1.57
C GLN A 121 -17.62 2.28 2.99
N GLN A 122 -16.36 1.92 3.09
CA GLN A 122 -15.73 1.74 4.40
C GLN A 122 -15.48 3.09 5.05
N GLU A 123 -15.83 3.23 6.33
CA GLU A 123 -15.82 4.55 6.95
C GLU A 123 -14.44 4.94 7.45
N PHE A 124 -13.56 3.95 7.60
CA PHE A 124 -12.20 4.16 8.09
C PHE A 124 -11.20 3.72 7.04
N ARG A 125 -9.95 4.12 7.23
CA ARG A 125 -8.86 3.64 6.36
C ARG A 125 -7.68 3.26 7.28
N MET A 126 -6.95 2.23 6.89
CA MET A 126 -5.85 1.72 7.72
C MET A 126 -4.66 2.66 7.70
N VAL A 127 -4.41 3.24 6.54
CA VAL A 127 -3.37 4.23 6.35
C VAL A 127 -4.04 5.46 5.75
N ASP A 128 -3.61 6.64 6.17
CA ASP A 128 -4.31 7.87 5.78
C ASP A 128 -3.61 8.64 4.66
N HIS A 129 -2.30 8.43 4.51
CA HIS A 129 -1.48 9.33 3.70
C HIS A 129 -0.27 8.56 3.20
N VAL A 130 0.16 8.83 1.96
CA VAL A 130 1.41 8.24 1.48
C VAL A 130 2.42 9.36 1.25
N GLU A 131 3.54 9.30 1.96
CA GLU A 131 4.57 10.34 1.85
C GLU A 131 5.79 9.78 1.12
N PHE A 132 6.13 10.36 -0.02
CA PHE A 132 7.34 9.94 -0.75
C PHE A 132 8.48 10.83 -0.28
N GLN A 133 9.56 10.22 0.16
CA GLN A 133 10.64 10.98 0.82
C GLN A 133 11.29 11.97 -0.13
N LYS A 134 11.39 11.59 -1.40
CA LYS A 134 11.94 12.48 -2.42
C LYS A 134 11.18 12.31 -3.72
N SER A 135 10.96 13.42 -4.42
CA SER A 135 10.29 13.35 -5.70
C SER A 135 11.12 12.53 -6.70
N GLU A 136 12.43 12.48 -6.51
CA GLU A 136 13.32 11.73 -7.41
C GLU A 136 12.96 10.25 -7.47
N ILE A 137 12.51 9.69 -6.36
CA ILE A 137 12.08 8.30 -6.31
C ILE A 137 10.95 8.05 -7.32
N ILE A 138 9.90 8.86 -7.25
CA ILE A 138 8.78 8.73 -8.17
C ILE A 138 9.17 9.04 -9.62
N ASN A 139 9.95 10.10 -9.79
CA ASN A 139 10.32 10.51 -11.14
C ASN A 139 11.21 9.49 -11.83
N GLU A 140 12.08 8.81 -11.09
CA GLU A 140 12.89 7.78 -11.73
C GLU A 140 12.04 6.54 -12.07
N PHE A 141 11.05 6.23 -11.23
CA PHE A 141 10.09 5.15 -11.56
C PHE A 141 9.36 5.47 -12.87
N ILE A 142 8.85 6.68 -12.96
CA ILE A 142 8.14 7.16 -14.16
C ILE A 142 9.03 7.13 -15.40
N GLN A 143 10.34 7.29 -15.21
CA GLN A 143 11.27 7.28 -16.35
C GLN A 143 11.24 5.95 -17.13
N ALA A 144 10.88 4.85 -16.47
CA ALA A 144 10.73 3.58 -17.18
C ALA A 144 9.71 3.73 -18.30
N TRP A 145 8.58 4.35 -17.97
CA TRP A 145 7.57 4.65 -18.97
C TRP A 145 8.03 5.70 -19.98
N ARG A 146 8.66 6.76 -19.50
CA ARG A 146 9.11 7.83 -20.39
C ARG A 146 10.04 7.29 -21.47
N TYR A 147 10.91 6.37 -21.09
CA TYR A 147 11.90 5.84 -22.01
C TYR A 147 11.32 4.85 -23.00
N THR A 148 10.38 4.02 -22.53
CA THR A 148 9.93 2.88 -23.34
C THR A 148 8.54 3.03 -23.96
N GLY A 149 7.71 3.89 -23.37
CA GLY A 149 6.32 3.99 -23.78
C GLY A 149 5.51 2.83 -23.22
N MET A 150 6.15 1.99 -22.40
CA MET A 150 5.50 0.84 -21.79
C MET A 150 5.20 1.09 -20.31
N GLN A 151 4.16 0.46 -19.78
CA GLN A 151 3.80 0.70 -18.39
C GLN A 151 4.78 0.02 -17.43
N ARG A 152 4.70 0.35 -16.15
CA ARG A 152 5.66 -0.17 -15.17
C ARG A 152 4.97 -0.49 -13.85
N PHE A 153 5.47 -1.52 -13.17
CA PHE A 153 5.00 -1.97 -11.85
C PHE A 153 6.17 -1.96 -10.85
N GLY A 154 5.92 -1.49 -9.64
CA GLY A 154 6.97 -1.50 -8.63
C GLY A 154 6.42 -1.81 -7.26
N TYR A 155 7.30 -2.28 -6.36
CA TYR A 155 6.95 -2.42 -4.95
C TYR A 155 7.63 -1.32 -4.15
N MET A 156 6.90 -0.75 -3.21
CA MET A 156 7.41 0.36 -2.40
C MET A 156 7.94 -0.14 -1.06
N TYR A 157 9.09 0.41 -0.65
CA TYR A 157 9.71 0.06 0.61
C TYR A 157 9.79 1.27 1.53
N GLY A 158 9.63 1.04 2.83
CA GLY A 158 9.70 2.14 3.79
C GLY A 158 9.16 1.72 5.15
N SER A 159 8.39 2.61 5.76
CA SER A 159 7.91 2.39 7.11
C SER A 159 6.62 3.16 7.35
N TYR A 160 6.04 3.00 8.54
CA TYR A 160 4.83 3.73 8.92
C TYR A 160 5.11 4.62 10.10
N SER A 161 4.53 5.81 10.10
CA SER A 161 4.66 6.68 11.26
C SER A 161 3.44 7.59 11.40
N LYS A 162 3.41 8.41 12.43
CA LYS A 162 2.24 9.25 12.68
C LYS A 162 2.07 10.32 11.62
N TYR A 163 0.81 10.62 11.32
CA TYR A 163 0.45 11.67 10.37
C TYR A 163 -0.50 12.64 11.08
N ASP A 164 -0.07 13.88 11.29
CA ASP A 164 -0.80 14.76 12.20
C ASP A 164 -1.96 15.54 11.59
N ASN A 165 -2.13 15.46 10.27
CA ASN A 165 -3.15 16.27 9.60
C ASN A 165 -4.55 15.65 9.61
N THR A 166 -4.68 14.50 10.25
CA THR A 166 -6.00 13.94 10.54
C THR A 166 -5.94 13.33 11.95
N PRO A 167 -7.08 13.27 12.68
CA PRO A 167 -7.02 12.68 14.02
C PRO A 167 -6.45 11.24 14.02
N LEU A 168 -5.42 11.07 14.86
CA LEU A 168 -4.73 9.79 15.03
C LEU A 168 -4.30 9.16 13.70
N GLY A 169 -3.85 9.98 12.77
CA GLY A 169 -3.48 9.48 11.47
C GLY A 169 -2.16 8.73 11.36
N ILE A 170 -2.06 7.93 10.29
CA ILE A 170 -0.86 7.18 9.96
C ILE A 170 -0.46 7.48 8.55
N LYS A 171 0.84 7.69 8.32
CA LYS A 171 1.34 7.76 6.95
C LYS A 171 2.28 6.61 6.63
N ALA A 172 2.23 6.18 5.36
CA ALA A 172 3.24 5.29 4.82
C ALA A 172 4.35 6.17 4.29
N VAL A 173 5.59 5.91 4.70
CA VAL A 173 6.71 6.74 4.31
C VAL A 173 7.58 5.94 3.34
N VAL A 174 7.60 6.37 2.08
CA VAL A 174 8.24 5.58 1.01
C VAL A 174 9.69 6.02 0.81
N GLU A 175 10.62 5.07 0.97
CA GLU A 175 12.05 5.34 0.87
C GLU A 175 12.66 4.89 -0.45
N ALA A 176 12.00 3.97 -1.15
CA ALA A 176 12.56 3.40 -2.38
C ALA A 176 11.49 2.59 -3.10
N ILE A 177 11.74 2.32 -4.38
CA ILE A 177 10.87 1.47 -5.19
C ILE A 177 11.72 0.36 -5.81
N TYR A 178 11.24 -0.88 -5.70
CA TYR A 178 11.89 -2.01 -6.35
C TYR A 178 11.00 -2.54 -7.44
N GLU A 179 11.49 -2.57 -8.68
CA GLU A 179 10.70 -3.10 -9.80
C GLU A 179 11.06 -4.56 -10.02
N PRO A 180 10.06 -5.46 -9.89
CA PRO A 180 10.32 -6.89 -10.11
C PRO A 180 10.41 -7.22 -11.60
N PRO A 181 10.93 -8.41 -11.95
CA PRO A 181 10.92 -8.82 -13.35
C PRO A 181 9.50 -8.82 -13.89
N GLN A 182 9.35 -8.31 -15.09
CA GLN A 182 8.03 -8.07 -15.66
C GLN A 182 8.12 -7.89 -17.15
N HIS A 183 7.05 -8.23 -17.85
CA HIS A 183 6.93 -7.97 -19.27
C HIS A 183 5.98 -6.81 -19.49
N ASP A 184 6.53 -5.66 -19.86
CA ASP A 184 5.72 -4.45 -19.94
C ASP A 184 5.21 -4.22 -21.35
N GLU A 185 3.99 -3.70 -21.43
CA GLU A 185 3.41 -3.32 -22.72
C GLU A 185 2.78 -1.93 -22.65
N GLN A 186 2.33 -1.45 -23.80
CA GLN A 186 1.76 -0.11 -23.90
C GLN A 186 0.49 0.04 -23.06
N ASP A 187 -0.28 -1.04 -22.98
CA ASP A 187 -1.60 -1.00 -22.32
C ASP A 187 -1.73 -1.99 -21.17
N GLY A 188 -0.63 -2.40 -20.59
CA GLY A 188 -0.67 -3.31 -19.47
C GLY A 188 0.70 -3.91 -19.24
N LEU A 189 0.76 -4.93 -18.38
CA LEU A 189 2.01 -5.64 -18.11
C LEU A 189 1.68 -6.99 -17.48
N THR A 190 2.63 -7.92 -17.57
CA THR A 190 2.42 -9.26 -17.02
C THR A 190 3.63 -9.69 -16.21
N MET A 191 3.35 -10.25 -15.03
CA MET A 191 4.39 -10.81 -14.19
C MET A 191 4.19 -12.31 -13.99
N ASP A 192 5.31 -13.03 -13.90
CA ASP A 192 5.32 -14.41 -13.44
C ASP A 192 5.22 -14.39 -11.92
N VAL A 193 4.04 -14.74 -11.39
CA VAL A 193 3.77 -14.57 -9.96
C VAL A 193 4.76 -15.34 -9.08
N GLU A 194 5.08 -16.57 -9.48
CA GLU A 194 6.03 -17.37 -8.70
C GLU A 194 7.43 -16.77 -8.71
N GLN A 195 7.92 -16.41 -9.89
CA GLN A 195 9.22 -15.77 -10.03
C GLN A 195 9.32 -14.52 -9.16
N VAL A 196 8.28 -13.69 -9.22
CA VAL A 196 8.27 -12.44 -8.48
C VAL A 196 8.20 -12.71 -6.97
N LYS A 197 7.37 -13.66 -6.55
CA LYS A 197 7.28 -13.98 -5.13
C LYS A 197 8.65 -14.43 -4.61
N ASN A 198 9.31 -15.30 -5.36
CA ASN A 198 10.63 -15.79 -4.99
C ASN A 198 11.66 -14.68 -4.90
N GLU A 199 11.66 -13.78 -5.89
CA GLU A 199 12.59 -12.66 -5.87
C GLU A 199 12.30 -11.70 -4.72
N MET A 200 11.04 -11.38 -4.51
CA MET A 200 10.73 -10.36 -3.50
C MET A 200 10.99 -10.86 -2.08
N LEU A 201 10.93 -12.17 -1.90
CA LEU A 201 11.27 -12.77 -0.61
C LEU A 201 12.70 -12.40 -0.24
N GLN A 202 13.59 -12.45 -1.23
CA GLN A 202 14.99 -12.15 -1.00
C GLN A 202 15.18 -10.64 -0.81
N ILE A 203 14.47 -9.83 -1.59
CA ILE A 203 14.60 -8.39 -1.43
C ILE A 203 14.04 -7.97 -0.06
N ASP A 204 12.93 -8.57 0.34
CA ASP A 204 12.34 -8.27 1.64
C ASP A 204 13.35 -8.48 2.77
N ARG A 205 14.07 -9.60 2.71
CA ARG A 205 15.05 -9.94 3.74
C ARG A 205 16.16 -8.90 3.82
N GLN A 206 16.69 -8.52 2.67
CA GLN A 206 17.76 -7.52 2.61
C GLN A 206 17.25 -6.14 3.00
N ALA A 207 16.06 -5.78 2.54
CA ALA A 207 15.50 -4.47 2.88
C ALA A 207 15.25 -4.37 4.38
N GLN A 208 14.86 -5.47 5.00
CA GLN A 208 14.67 -5.49 6.45
C GLN A 208 15.96 -5.18 7.20
N GLU A 209 17.10 -5.63 6.66
CA GLU A 209 18.39 -5.34 7.29
C GLU A 209 18.69 -3.83 7.22
N MET A 210 18.01 -3.14 6.31
CA MET A 210 18.15 -1.69 6.18
C MET A 210 17.07 -0.94 6.95
N GLY A 211 16.23 -1.66 7.68
CA GLY A 211 15.17 -1.04 8.45
C GLY A 211 13.93 -0.72 7.61
N LEU A 212 13.77 -1.43 6.49
CA LEU A 212 12.65 -1.19 5.58
C LEU A 212 11.66 -2.35 5.51
N SER A 213 10.37 -2.01 5.37
CA SER A 213 9.32 -2.99 5.09
C SER A 213 8.76 -2.75 3.71
N ARG A 214 8.17 -3.79 3.12
CA ARG A 214 7.48 -3.63 1.84
C ARG A 214 6.10 -3.09 2.17
N ILE A 215 5.83 -1.84 1.80
CA ILE A 215 4.64 -1.16 2.33
C ILE A 215 3.57 -0.89 1.29
N GLY A 216 3.84 -1.18 0.01
CA GLY A 216 2.80 -1.00 -0.98
C GLY A 216 3.27 -1.33 -2.38
N LEU A 217 2.40 -1.07 -3.36
CA LEU A 217 2.74 -1.26 -4.76
C LEU A 217 2.39 0.01 -5.50
N ILE A 218 2.99 0.17 -6.67
CA ILE A 218 2.75 1.34 -7.47
C ILE A 218 2.81 0.95 -8.94
N PHE A 219 1.95 1.54 -9.76
CA PHE A 219 1.99 1.24 -11.19
C PHE A 219 1.59 2.45 -12.01
N THR A 220 1.99 2.46 -13.27
CA THR A 220 1.63 3.51 -14.21
C THR A 220 0.46 3.11 -15.11
N ASP A 221 -0.33 4.10 -15.47
CA ASP A 221 -1.29 3.98 -16.57
C ASP A 221 -1.19 5.28 -17.34
N LEU A 222 -0.13 5.40 -18.12
CA LEU A 222 0.23 6.64 -18.76
C LEU A 222 0.13 6.52 -20.28
N SER A 223 -0.54 7.46 -20.91
CA SER A 223 -0.67 7.46 -22.36
C SER A 223 -0.53 8.88 -22.88
N ASP A 224 0.48 9.09 -23.70
CA ASP A 224 0.70 10.40 -24.32
C ASP A 224 -0.56 10.91 -25.00
N ALA A 225 -0.84 12.19 -24.84
CA ALA A 225 -2.09 12.76 -25.31
C ALA A 225 -1.97 13.23 -26.76
N GLY A 226 -0.76 13.14 -27.30
CA GLY A 226 -0.53 13.48 -28.69
C GLY A 226 -0.61 14.96 -28.97
N ALA A 227 0.18 15.74 -28.25
CA ALA A 227 0.16 17.19 -28.41
C ALA A 227 1.56 17.77 -28.32
N GLY A 228 2.55 16.89 -28.20
CA GLY A 228 3.93 17.32 -28.08
C GLY A 228 4.26 17.94 -26.73
N ASP A 229 3.24 18.08 -25.88
CA ASP A 229 3.39 18.71 -24.57
C ASP A 229 4.19 17.87 -23.59
N GLY A 230 4.12 16.55 -23.76
CA GLY A 230 4.53 15.63 -22.72
C GLY A 230 3.30 15.38 -21.87
N SER A 231 2.18 15.95 -22.31
CA SER A 231 0.91 15.78 -21.62
C SER A 231 0.35 14.39 -21.86
N VAL A 232 -0.46 13.91 -20.92
CA VAL A 232 -1.03 12.57 -21.02
C VAL A 232 -2.54 12.60 -20.85
N PHE A 233 -3.20 11.53 -21.31
CA PHE A 233 -4.64 11.40 -21.23
C PHE A 233 -5.12 11.24 -19.79
N CYS A 234 -6.25 11.84 -19.47
CA CYS A 234 -6.89 11.57 -18.20
C CYS A 234 -7.90 10.47 -18.40
N LYS A 235 -7.63 9.29 -17.86
CA LYS A 235 -8.52 8.15 -18.01
C LYS A 235 -9.33 7.90 -16.76
N ARG A 236 -8.77 8.31 -15.62
CA ARG A 236 -9.33 7.98 -14.32
C ARG A 236 -9.87 9.23 -13.67
N HIS A 237 -11.19 9.29 -13.52
CA HIS A 237 -11.87 10.46 -12.99
C HIS A 237 -13.27 10.05 -12.54
N LYS A 238 -14.03 11.01 -12.00
CA LYS A 238 -15.30 10.70 -11.35
C LYS A 238 -16.32 10.09 -12.30
N ASP A 239 -16.18 10.33 -13.61
CA ASP A 239 -17.14 9.83 -14.58
C ASP A 239 -16.68 8.54 -15.25
N SER A 240 -15.54 8.01 -14.83
CA SER A 240 -15.08 6.72 -15.34
C SER A 240 -14.80 5.75 -14.20
N PHE A 241 -13.54 5.67 -13.79
CA PHE A 241 -13.16 4.83 -12.65
C PHE A 241 -11.89 5.39 -12.03
N PHE A 242 -11.57 4.96 -10.81
CA PHE A 242 -10.34 5.40 -10.17
C PHE A 242 -9.34 4.25 -10.11
N LEU A 243 -9.76 3.12 -9.54
CA LEU A 243 -9.07 1.85 -9.70
C LEU A 243 -10.01 0.90 -10.42
N SER A 244 -9.50 0.14 -11.39
CA SER A 244 -10.34 -0.82 -12.10
C SER A 244 -10.66 -1.99 -11.19
N SER A 245 -11.66 -2.79 -11.54
CA SER A 245 -11.95 -3.96 -10.72
C SER A 245 -10.77 -4.94 -10.68
N LEU A 246 -10.01 -5.03 -11.77
CA LEU A 246 -8.81 -5.85 -11.78
C LEU A 246 -7.81 -5.36 -10.72
N GLU A 247 -7.65 -4.05 -10.62
CA GLU A 247 -6.67 -3.46 -9.72
C GLU A 247 -7.12 -3.57 -8.26
N VAL A 248 -8.43 -3.47 -8.04
CA VAL A 248 -8.98 -3.69 -6.70
C VAL A 248 -8.73 -5.11 -6.23
N ILE A 249 -8.91 -6.08 -7.12
CA ILE A 249 -8.65 -7.48 -6.79
C ILE A 249 -7.15 -7.68 -6.48
N MET A 250 -6.29 -7.08 -7.29
CA MET A 250 -4.84 -7.10 -7.02
C MET A 250 -4.52 -6.49 -5.66
N ALA A 251 -5.10 -5.34 -5.36
CA ALA A 251 -4.84 -4.70 -4.08
C ALA A 251 -5.33 -5.58 -2.93
N ALA A 252 -6.52 -6.16 -3.07
CA ALA A 252 -7.03 -7.04 -2.02
C ALA A 252 -6.10 -8.24 -1.75
N ARG A 253 -5.58 -8.86 -2.80
CA ARG A 253 -4.70 -10.02 -2.64
C ARG A 253 -3.43 -9.62 -1.89
N HIS A 254 -2.88 -8.47 -2.25
CA HIS A 254 -1.67 -7.96 -1.58
C HIS A 254 -1.95 -7.62 -0.12
N GLN A 255 -3.10 -7.00 0.15
CA GLN A 255 -3.44 -6.64 1.53
C GLN A 255 -3.53 -7.88 2.39
N THR A 256 -4.17 -8.92 1.86
CA THR A 256 -4.34 -10.14 2.63
C THR A 256 -3.00 -10.85 2.87
N ARG A 257 -2.06 -10.70 1.94
CA ARG A 257 -0.71 -11.26 2.07
C ARG A 257 0.19 -10.43 2.98
N HIS A 258 -0.25 -9.21 3.31
CA HIS A 258 0.52 -8.30 4.18
C HIS A 258 -0.35 -7.83 5.35
N PRO A 259 -0.75 -8.78 6.20
CA PRO A 259 -1.74 -8.43 7.24
C PRO A 259 -1.17 -7.44 8.27
N ASN A 260 -2.07 -6.61 8.78
CA ASN A 260 -1.75 -5.71 9.87
C ASN A 260 -1.98 -6.42 11.20
N VAL A 261 -0.93 -6.53 12.00
CA VAL A 261 -1.03 -7.17 13.30
C VAL A 261 -1.81 -6.30 14.29
N SER A 262 -2.82 -6.87 14.93
CA SER A 262 -3.57 -6.15 15.96
C SER A 262 -3.97 -7.08 17.10
N LYS A 263 -3.64 -6.69 18.32
CA LYS A 263 -3.99 -7.47 19.49
C LYS A 263 -5.47 -7.30 19.81
N TYR A 264 -6.16 -6.42 19.08
CA TYR A 264 -7.55 -6.12 19.40
C TYR A 264 -8.48 -6.83 18.42
N SER A 265 -7.91 -7.74 17.65
CA SER A 265 -8.69 -8.52 16.70
C SER A 265 -8.78 -9.98 17.12
N GLU A 266 -9.95 -10.57 16.90
CA GLU A 266 -10.16 -11.99 17.15
C GLU A 266 -9.04 -12.84 16.54
N GLN A 267 -8.61 -12.49 15.32
CA GLN A 267 -7.59 -13.27 14.60
C GLN A 267 -6.13 -12.85 14.86
N GLY A 268 -5.92 -11.77 15.63
CA GLY A 268 -4.57 -11.29 15.86
C GLY A 268 -4.07 -10.39 14.73
N PHE A 269 -4.90 -10.28 13.69
CA PHE A 269 -4.65 -9.34 12.61
C PHE A 269 -5.95 -8.72 12.16
N PHE A 270 -5.85 -7.57 11.53
CA PHE A 270 -7.02 -6.90 10.98
C PHE A 270 -6.62 -6.07 9.79
N SER A 271 -7.16 -6.41 8.62
CA SER A 271 -6.90 -5.73 7.35
C SER A 271 -5.38 -5.61 7.14
N SER A 272 -4.96 -4.48 6.62
CA SER A 272 -3.59 -4.32 6.13
C SER A 272 -3.21 -2.86 6.02
N LYS A 273 -1.93 -2.54 6.25
CA LYS A 273 -1.39 -1.21 5.98
C LYS A 273 -0.74 -1.09 4.59
N PHE A 274 -0.88 -2.11 3.76
CA PHE A 274 -0.29 -2.13 2.42
C PHE A 274 -1.06 -1.19 1.49
N VAL A 275 -0.38 -0.25 0.84
CA VAL A 275 -1.07 0.78 0.05
C VAL A 275 -0.87 0.60 -1.45
N THR A 276 -1.81 1.11 -2.24
CA THR A 276 -1.78 0.98 -3.70
C THR A 276 -1.75 2.37 -4.33
N CYS A 277 -0.71 2.66 -5.10
CA CYS A 277 -0.62 3.94 -5.81
C CYS A 277 -0.66 3.77 -7.31
N VAL A 278 -1.34 4.68 -7.99
CA VAL A 278 -1.40 4.66 -9.46
C VAL A 278 -0.92 6.00 -10.01
N ILE A 279 -0.05 5.92 -11.02
CA ILE A 279 0.45 7.12 -11.67
C ILE A 279 -0.23 7.25 -13.02
N SER A 280 -0.95 8.35 -13.22
CA SER A 280 -1.77 8.49 -14.42
C SER A 280 -2.08 9.96 -14.66
N GLY A 281 -2.77 10.27 -15.76
CA GLY A 281 -3.06 11.65 -16.07
C GLY A 281 -4.14 12.24 -15.19
N ASN A 282 -3.93 13.47 -14.73
CA ASN A 282 -4.99 14.15 -14.00
C ASN A 282 -5.82 14.97 -15.00
N LEU A 283 -6.83 15.69 -14.50
CA LEU A 283 -7.76 16.41 -15.35
C LEU A 283 -7.09 17.46 -16.23
N GLU A 284 -5.89 17.90 -15.84
CA GLU A 284 -5.17 18.91 -16.61
C GLU A 284 -4.17 18.26 -17.58
N GLY A 285 -4.19 16.94 -17.65
CA GLY A 285 -3.30 16.22 -18.55
C GLY A 285 -1.89 16.09 -18.02
N GLU A 286 -1.70 16.40 -16.73
CA GLU A 286 -0.41 16.25 -16.07
C GLU A 286 -0.26 14.88 -15.45
N ILE A 287 0.97 14.38 -15.41
CA ILE A 287 1.28 13.15 -14.69
C ILE A 287 1.18 13.38 -13.19
N ASP A 288 0.39 12.55 -12.51
CA ASP A 288 0.13 12.72 -11.09
C ASP A 288 -0.06 11.36 -10.41
N ILE A 289 -0.06 11.37 -9.08
CA ILE A 289 -0.21 10.14 -8.29
C ILE A 289 -1.56 10.11 -7.56
N SER A 290 -2.14 8.92 -7.46
CA SER A 290 -3.33 8.73 -6.63
C SER A 290 -3.11 7.51 -5.73
N SER A 291 -3.55 7.61 -4.48
CA SER A 291 -3.28 6.58 -3.49
C SER A 291 -4.56 6.01 -2.90
N TYR A 292 -4.57 4.70 -2.71
CA TYR A 292 -5.75 3.95 -2.30
C TYR A 292 -5.43 2.78 -1.39
N GLN A 293 -6.46 2.29 -0.71
CA GLN A 293 -6.46 0.91 -0.24
C GLN A 293 -7.83 0.34 -0.60
N VAL A 294 -8.03 -0.95 -0.35
CA VAL A 294 -9.37 -1.50 -0.51
C VAL A 294 -9.90 -1.94 0.85
N SER A 295 -11.22 -2.06 0.94
CA SER A 295 -11.89 -2.30 2.21
C SER A 295 -11.70 -3.73 2.71
N THR A 296 -12.05 -3.96 3.98
CA THR A 296 -11.98 -5.31 4.50
C THR A 296 -13.03 -6.18 3.80
N GLU A 297 -14.11 -5.56 3.37
CA GLU A 297 -15.10 -6.31 2.58
C GLU A 297 -14.48 -6.79 1.28
N ALA A 298 -13.69 -5.93 0.62
CA ALA A 298 -12.98 -6.36 -0.58
C ALA A 298 -12.00 -7.52 -0.28
N GLU A 299 -11.24 -7.41 0.81
CA GLU A 299 -10.35 -8.50 1.20
C GLU A 299 -11.12 -9.82 1.32
N ALA A 300 -12.26 -9.78 2.01
CA ALA A 300 -13.05 -10.98 2.24
C ALA A 300 -13.70 -11.52 0.97
N LEU A 301 -14.18 -10.63 0.11
CA LEU A 301 -14.72 -11.08 -1.18
C LEU A 301 -13.67 -11.84 -1.97
N VAL A 302 -12.46 -11.31 -2.01
CA VAL A 302 -11.42 -11.90 -2.83
C VAL A 302 -10.89 -13.18 -2.19
N THR A 303 -10.79 -13.20 -0.86
CA THR A 303 -10.42 -14.43 -0.14
C THR A 303 -11.43 -15.55 -0.40
N ALA A 304 -12.69 -15.18 -0.57
CA ALA A 304 -13.76 -16.14 -0.86
C ALA A 304 -13.94 -16.40 -2.37
N ASP A 305 -13.09 -15.78 -3.17
CA ASP A 305 -13.11 -15.90 -4.64
C ASP A 305 -14.45 -15.51 -5.26
N MET A 306 -15.06 -14.47 -4.71
CA MET A 306 -16.42 -14.11 -5.12
C MET A 306 -16.49 -13.09 -6.24
N ILE A 307 -15.39 -12.39 -6.53
CA ILE A 307 -15.45 -11.40 -7.59
C ILE A 307 -14.34 -11.59 -8.63
N SER A 308 -14.63 -11.10 -9.83
CA SER A 308 -13.71 -11.15 -10.95
C SER A 308 -13.69 -9.78 -11.58
N GLY A 309 -12.69 -9.51 -12.40
CA GLY A 309 -12.73 -8.31 -13.21
C GLY A 309 -13.90 -8.40 -14.18
N SER A 310 -14.26 -7.27 -14.75
CA SER A 310 -15.27 -7.25 -15.80
C SER A 310 -14.77 -6.39 -16.95
N THR A 311 -15.49 -6.43 -18.06
CA THR A 311 -15.10 -5.67 -19.23
C THR A 311 -15.33 -4.16 -19.04
N PHE A 312 -16.12 -3.78 -18.04
CA PHE A 312 -16.27 -2.38 -17.66
C PHE A 312 -15.37 -2.13 -16.46
N PRO A 313 -14.34 -1.28 -16.62
CA PRO A 313 -13.34 -1.15 -15.55
C PRO A 313 -13.92 -0.68 -14.22
N SER A 314 -15.01 0.08 -14.25
CA SER A 314 -15.60 0.57 -13.00
C SER A 314 -16.37 -0.51 -12.24
N MET A 315 -16.54 -1.69 -12.84
CA MET A 315 -17.44 -2.70 -12.30
C MET A 315 -16.76 -4.03 -12.00
N ALA A 316 -17.07 -4.61 -10.83
CA ALA A 316 -16.65 -5.98 -10.52
C ALA A 316 -17.75 -6.95 -10.88
N TYR A 317 -17.35 -8.10 -11.42
CA TYR A 317 -18.30 -9.15 -11.78
C TYR A 317 -18.38 -10.14 -10.62
N ILE A 318 -19.60 -10.57 -10.28
CA ILE A 318 -19.72 -11.53 -9.20
C ILE A 318 -19.77 -12.96 -9.73
N ASN A 319 -18.97 -13.83 -9.12
CA ASN A 319 -18.82 -15.20 -9.59
C ASN A 319 -19.98 -16.09 -9.21
N ASP A 320 -20.05 -17.26 -9.84
CA ASP A 320 -21.15 -18.19 -9.60
C ASP A 320 -20.84 -19.17 -8.49
N THR A 321 -21.88 -19.70 -7.86
CA THR A 321 -21.73 -20.78 -6.89
C THR A 321 -21.28 -22.07 -7.58
N THR A 322 -20.26 -22.70 -7.02
CA THR A 322 -19.74 -23.96 -7.56
C THR A 322 -19.58 -24.96 -6.42
N ASP A 323 -18.95 -26.09 -6.71
CA ASP A 323 -18.67 -27.07 -5.66
C ASP A 323 -17.57 -26.57 -4.72
N GLU A 324 -16.82 -25.56 -5.14
CA GLU A 324 -15.72 -25.04 -4.32
C GLU A 324 -16.00 -23.66 -3.76
N ARG A 325 -16.98 -22.98 -4.35
CA ARG A 325 -17.30 -21.62 -3.95
C ARG A 325 -18.77 -21.45 -3.69
N TYR A 326 -19.13 -20.79 -2.59
CA TYR A 326 -20.53 -20.50 -2.32
C TYR A 326 -20.75 -19.00 -2.35
N VAL A 327 -21.62 -18.54 -3.23
CA VAL A 327 -21.90 -17.12 -3.33
C VAL A 327 -23.35 -16.84 -2.88
N PRO A 328 -23.53 -16.15 -1.75
CA PRO A 328 -24.88 -15.84 -1.28
C PRO A 328 -25.47 -14.65 -2.05
N GLU A 329 -26.64 -14.17 -1.64
CA GLU A 329 -27.11 -12.88 -2.16
C GLU A 329 -26.08 -11.82 -1.77
N ILE A 330 -25.82 -10.87 -2.67
CA ILE A 330 -24.91 -9.77 -2.36
C ILE A 330 -25.56 -8.45 -2.75
N PHE A 331 -25.56 -7.51 -1.83
CA PHE A 331 -26.19 -6.20 -1.99
C PHE A 331 -25.14 -5.14 -1.79
N TYR A 332 -25.39 -3.92 -2.25
CA TYR A 332 -24.52 -2.82 -1.85
C TYR A 332 -25.36 -1.59 -1.54
N MET A 333 -24.83 -0.75 -0.67
CA MET A 333 -25.52 0.47 -0.26
C MET A 333 -25.19 1.58 -1.25
N LYS A 334 -26.02 1.70 -2.27
CA LYS A 334 -25.81 2.61 -3.39
C LYS A 334 -26.05 4.06 -2.97
N SER A 335 -25.03 4.89 -3.14
CA SER A 335 -25.08 6.28 -2.73
C SER A 335 -25.63 7.20 -3.83
N ASN A 336 -26.37 8.24 -3.42
CA ASN A 336 -26.75 9.30 -4.36
C ASN A 336 -25.77 10.48 -4.18
N GLU A 337 -26.05 11.61 -4.82
CA GLU A 337 -25.09 12.71 -4.79
C GLU A 337 -24.98 13.38 -3.41
N TYR A 338 -25.93 13.09 -2.51
CA TYR A 338 -25.90 13.64 -1.15
C TYR A 338 -25.31 12.67 -0.17
N GLY A 339 -24.84 11.53 -0.65
CA GLY A 339 -24.23 10.53 0.22
C GLY A 339 -25.24 9.63 0.90
N ILE A 340 -26.51 9.82 0.58
CA ILE A 340 -27.59 9.00 1.14
C ILE A 340 -27.65 7.68 0.37
N THR A 341 -27.77 6.56 1.10
CA THR A 341 -27.69 5.25 0.46
C THR A 341 -28.99 4.47 0.51
N VAL A 342 -29.13 3.56 -0.45
CA VAL A 342 -30.28 2.68 -0.60
C VAL A 342 -29.76 1.29 -0.96
N LYS A 343 -30.26 0.26 -0.29
CA LYS A 343 -29.81 -1.10 -0.56
C LYS A 343 -30.24 -1.62 -1.94
N GLU A 344 -29.26 -2.01 -2.76
CA GLU A 344 -29.50 -2.53 -4.10
C GLU A 344 -28.77 -3.85 -4.33
N ASN A 345 -29.30 -4.67 -5.23
CA ASN A 345 -28.66 -5.92 -5.60
C ASN A 345 -27.35 -5.68 -6.32
N ALA A 346 -26.29 -6.33 -5.85
CA ALA A 346 -24.97 -6.14 -6.44
C ALA A 346 -24.72 -7.06 -7.63
N LYS A 347 -25.55 -8.08 -7.78
CA LYS A 347 -25.39 -9.01 -8.90
C LYS A 347 -26.10 -8.48 -10.14
N PRO A 348 -25.57 -8.78 -11.34
CA PRO A 348 -24.39 -9.60 -11.61
C PRO A 348 -23.08 -8.85 -11.52
N ALA A 349 -23.12 -7.53 -11.47
CA ALA A 349 -21.91 -6.71 -11.41
C ALA A 349 -22.22 -5.39 -10.70
N PHE A 350 -21.24 -4.83 -10.00
CA PHE A 350 -21.48 -3.63 -9.19
C PHE A 350 -20.28 -2.69 -9.25
N PRO A 351 -20.48 -1.40 -8.92
CA PRO A 351 -19.37 -0.43 -9.00
C PRO A 351 -18.29 -0.72 -7.94
N VAL A 352 -17.04 -0.88 -8.36
CA VAL A 352 -16.02 -1.26 -7.40
C VAL A 352 -15.60 -0.14 -6.49
N ASP A 353 -16.00 1.09 -6.78
CA ASP A 353 -15.54 2.18 -5.92
C ASP A 353 -16.13 2.06 -4.51
N TYR A 354 -17.17 1.25 -4.34
CA TYR A 354 -17.66 0.96 -2.99
C TYR A 354 -16.67 0.14 -2.17
N LEU A 355 -15.70 -0.46 -2.86
CA LEU A 355 -14.66 -1.26 -2.21
C LEU A 355 -13.39 -0.44 -1.98
N LEU A 356 -13.38 0.81 -2.42
CA LEU A 356 -12.18 1.66 -2.31
C LEU A 356 -12.18 2.57 -1.10
N VAL A 357 -10.98 2.85 -0.57
CA VAL A 357 -10.81 4.00 0.32
C VAL A 357 -9.68 4.85 -0.26
N THR A 358 -9.81 6.16 -0.12
CA THR A 358 -8.83 7.06 -0.71
C THR A 358 -7.88 7.58 0.37
N LEU A 359 -6.63 7.77 -0.03
CA LEU A 359 -5.58 8.29 0.84
C LEU A 359 -5.07 9.57 0.23
N THR A 360 -4.47 10.44 1.03
CA THR A 360 -3.80 11.60 0.46
C THR A 360 -2.34 11.23 0.19
N HIS A 361 -1.59 12.12 -0.45
CA HIS A 361 -0.18 11.86 -0.70
C HIS A 361 0.60 13.16 -0.75
N GLY A 362 1.92 13.08 -0.67
CA GLY A 362 2.72 14.27 -0.78
C GLY A 362 4.19 14.01 -0.59
N PHE A 363 4.95 15.10 -0.52
CA PHE A 363 6.38 15.04 -0.23
C PHE A 363 6.69 15.89 1.01
N PRO A 364 7.74 15.54 1.75
CA PRO A 364 8.15 16.40 2.86
C PRO A 364 8.81 17.68 2.33
N ASN A 365 9.03 18.67 3.19
CA ASN A 365 9.75 19.87 2.75
C ASN A 365 11.17 19.90 3.30
N THR A 366 12.05 20.64 2.61
CA THR A 366 13.45 20.74 3.01
C THR A 366 13.60 21.41 4.37
N THR A 370 15.08 16.45 7.05
CA THR A 370 15.19 15.48 5.96
C THR A 370 15.79 14.16 6.45
N ASN A 371 14.93 13.28 6.95
CA ASN A 371 15.38 12.00 7.47
C ASN A 371 15.27 10.87 6.44
N SER A 372 15.37 11.24 5.17
CA SER A 372 15.44 10.29 4.06
C SER A 372 16.53 9.25 4.32
N LYS A 373 16.19 7.98 4.15
CA LYS A 373 17.11 6.89 4.43
C LYS A 373 18.27 6.84 3.44
N PHE A 374 17.98 7.11 2.17
CA PHE A 374 19.01 7.06 1.14
C PHE A 374 19.30 8.43 0.55
N VAL A 375 20.57 8.85 0.62
CA VAL A 375 20.96 10.14 0.07
C VAL A 375 20.65 10.25 -1.41
N SER A 376 20.98 9.21 -2.17
CA SER A 376 20.72 9.25 -3.61
C SER A 376 19.66 8.24 -4.00
N SER A 377 18.81 8.64 -4.94
CA SER A 377 17.73 7.79 -5.42
C SER A 377 18.00 7.31 -6.84
N THR A 378 18.98 7.92 -7.50
CA THR A 378 19.28 7.63 -8.89
C THR A 378 20.79 7.57 -9.10
N GLY A 379 21.23 7.20 -10.29
CA GLY A 379 22.64 7.23 -10.62
C GLY A 379 23.27 5.87 -10.81
N PHE A 380 22.69 4.86 -10.15
CA PHE A 380 23.08 3.48 -10.39
C PHE A 380 21.84 2.74 -10.85
N PRO A 381 21.96 1.91 -11.90
CA PRO A 381 20.76 1.28 -12.47
C PRO A 381 19.91 0.53 -11.45
N TRP A 382 18.61 0.81 -11.49
CA TRP A 382 17.64 0.06 -10.72
C TRP A 382 17.56 -1.36 -11.25
N SER A 383 17.07 -2.27 -10.41
CA SER A 383 16.89 -3.66 -10.80
C SER A 383 15.97 -3.83 -12.00
N ASN A 384 16.23 -4.89 -12.76
CA ASN A 384 15.34 -5.35 -13.82
C ASN A 384 15.08 -4.31 -14.92
N ARG A 385 16.12 -3.57 -15.29
CA ARG A 385 16.00 -2.55 -16.32
C ARG A 385 16.89 -2.77 -17.52
N GLN A 386 17.29 -4.02 -17.74
CA GLN A 386 18.18 -4.31 -18.86
C GLN A 386 17.56 -3.89 -20.20
N ALA A 387 16.24 -3.99 -20.32
CA ALA A 387 15.56 -3.63 -21.56
C ALA A 387 15.58 -2.11 -21.82
N MET A 388 15.85 -1.34 -20.77
CA MET A 388 16.04 0.10 -20.90
C MET A 388 17.50 0.45 -21.14
N GLY A 389 18.33 -0.56 -21.32
CA GLY A 389 19.75 -0.32 -21.46
C GLY A 389 20.45 0.04 -20.15
N GLN A 390 19.85 -0.34 -19.03
CA GLN A 390 20.45 -0.06 -17.73
C GLN A 390 20.71 -1.37 -16.98
N SER A 391 21.89 -1.93 -17.12
CA SER A 391 22.16 -3.21 -16.48
C SER A 391 23.10 -3.05 -15.30
N GLN A 392 22.96 -3.91 -14.30
CA GLN A 392 23.88 -3.96 -13.18
C GLN A 392 24.96 -4.98 -13.46
N ASP A 393 26.18 -4.51 -13.68
CA ASP A 393 27.31 -5.39 -13.91
C ASP A 393 28.58 -4.73 -13.40
N TYR A 394 29.72 -5.40 -13.57
CA TYR A 394 30.98 -4.87 -13.07
C TYR A 394 31.34 -3.57 -13.77
N GLN A 395 31.10 -3.51 -15.06
CA GLN A 395 31.45 -2.32 -15.84
C GLN A 395 30.73 -1.10 -15.27
N GLU A 396 29.46 -1.28 -14.92
CA GLU A 396 28.65 -0.19 -14.43
C GLU A 396 29.06 0.22 -13.02
N LEU A 397 29.30 -0.77 -12.18
CA LEU A 397 29.71 -0.50 -10.80
C LEU A 397 31.06 0.21 -10.77
N LYS A 398 31.97 -0.18 -11.65
CA LYS A 398 33.27 0.47 -11.73
C LYS A 398 33.10 1.94 -12.14
N LYS A 399 32.27 2.18 -13.15
CA LYS A 399 32.03 3.54 -13.62
C LYS A 399 31.41 4.39 -12.52
N TYR A 400 30.51 3.78 -11.76
CA TYR A 400 29.78 4.47 -10.71
C TYR A 400 30.67 4.81 -9.51
N LEU A 401 31.50 3.85 -9.11
CA LEU A 401 32.04 3.85 -7.75
C LEU A 401 33.56 3.89 -7.62
N PHE A 402 34.29 3.46 -8.65
CA PHE A 402 35.71 3.16 -8.50
C PHE A 402 36.57 4.37 -8.16
N ASN A 403 36.50 5.41 -8.98
CA ASN A 403 37.32 6.59 -8.76
C ASN A 403 37.01 7.27 -7.43
N VAL A 404 35.72 7.31 -7.08
CA VAL A 404 35.31 7.88 -5.83
C VAL A 404 35.86 7.08 -4.65
N ALA A 405 35.83 5.76 -4.76
CA ALA A 405 36.31 4.88 -3.70
C ALA A 405 37.80 5.01 -3.46
N SER A 406 38.52 5.63 -4.39
CA SER A 406 39.96 5.76 -4.25
C SER A 406 40.40 7.22 -4.16
N SER A 407 39.44 8.12 -3.95
CA SER A 407 39.74 9.55 -3.86
C SER A 407 39.89 10.01 -2.42
N GLY A 408 39.35 9.23 -1.49
CA GLY A 408 39.36 9.61 -0.10
C GLY A 408 38.24 10.59 0.25
N ASP A 409 37.45 10.95 -0.75
CA ASP A 409 36.30 11.82 -0.53
C ASP A 409 35.18 11.02 0.09
N PHE A 410 35.04 11.04 1.42
CA PHE A 410 33.97 10.25 2.04
C PHE A 410 32.59 10.88 1.87
N ASN A 411 32.53 12.18 1.60
CA ASN A 411 31.24 12.80 1.31
C ASN A 411 30.67 12.23 0.02
N LEU A 412 31.50 12.19 -1.00
CA LEU A 412 31.06 11.66 -2.29
C LEU A 412 30.83 10.15 -2.21
N LEU A 413 31.72 9.42 -1.54
CA LEU A 413 31.53 7.98 -1.36
C LEU A 413 30.21 7.69 -0.64
N HIS A 414 29.92 8.46 0.40
CA HIS A 414 28.68 8.30 1.15
C HIS A 414 27.47 8.51 0.24
N GLU A 415 27.53 9.56 -0.57
CA GLU A 415 26.44 9.87 -1.49
C GLU A 415 26.22 8.72 -2.48
N LYS A 416 27.30 8.10 -2.91
CA LYS A 416 27.25 7.01 -3.88
C LYS A 416 26.69 5.72 -3.28
N ILE A 417 27.16 5.34 -2.09
CA ILE A 417 26.74 4.06 -1.52
C ILE A 417 25.40 4.16 -0.79
N SER A 418 24.95 5.37 -0.47
CA SER A 418 23.67 5.54 0.20
C SER A 418 22.58 5.53 -0.85
N ASN A 419 22.30 4.33 -1.35
CA ASN A 419 21.55 4.15 -2.57
C ASN A 419 20.99 2.73 -2.56
N PHE A 420 19.66 2.60 -2.50
CA PHE A 420 18.99 1.31 -2.32
C PHE A 420 19.45 0.25 -3.34
N HIS A 421 19.38 0.58 -4.62
CA HIS A 421 19.68 -0.41 -5.63
C HIS A 421 21.16 -0.74 -5.71
N LEU A 422 22.00 0.23 -5.39
CA LEU A 422 23.44 0.01 -5.28
C LEU A 422 23.73 -1.03 -4.20
N LEU A 423 23.11 -0.85 -3.03
CA LEU A 423 23.34 -1.75 -1.91
C LEU A 423 22.91 -3.18 -2.24
N LEU A 424 21.73 -3.33 -2.83
CA LEU A 424 21.27 -4.65 -3.22
C LEU A 424 22.24 -5.31 -4.21
N TYR A 425 22.75 -4.54 -5.16
CA TYR A 425 23.65 -5.13 -6.13
C TYR A 425 24.95 -5.60 -5.48
N ILE A 426 25.52 -4.75 -4.63
CA ILE A 426 26.78 -5.11 -3.97
C ILE A 426 26.59 -6.37 -3.13
N ASN A 427 25.48 -6.45 -2.40
CA ASN A 427 25.25 -7.65 -1.59
C ASN A 427 25.09 -8.90 -2.46
N SER A 428 24.57 -8.75 -3.67
CA SER A 428 24.41 -9.88 -4.57
C SER A 428 25.75 -10.48 -5.00
N LEU A 429 26.81 -9.69 -4.93
CA LEU A 429 28.13 -10.15 -5.37
C LEU A 429 28.76 -11.10 -4.34
N GLN A 430 28.21 -11.12 -3.12
CA GLN A 430 28.72 -11.98 -2.05
C GLN A 430 30.22 -11.85 -1.86
N ILE A 431 30.75 -10.63 -2.02
CA ILE A 431 32.14 -10.36 -1.74
C ILE A 431 32.33 -10.00 -0.27
N LEU A 432 31.52 -9.06 0.20
CA LEU A 432 31.55 -8.64 1.60
C LEU A 432 31.01 -9.75 2.52
N SER A 433 31.61 -9.86 3.70
CA SER A 433 31.07 -10.71 4.76
C SER A 433 29.80 -10.09 5.34
N PRO A 434 28.99 -10.89 6.03
CA PRO A 434 27.83 -10.36 6.75
C PRO A 434 28.18 -9.15 7.63
N ASP A 435 29.29 -9.23 8.34
CA ASP A 435 29.76 -8.12 9.16
C ASP A 435 30.06 -6.88 8.32
N GLU A 436 30.68 -7.10 7.16
CA GLU A 436 31.05 -5.98 6.28
C GLU A 436 29.79 -5.44 5.59
N TRP A 437 28.87 -6.33 5.23
CA TRP A 437 27.58 -5.93 4.68
C TRP A 437 26.84 -5.04 5.67
N LYS A 438 26.90 -5.39 6.95
CA LYS A 438 26.26 -4.60 7.98
C LYS A 438 26.92 -3.23 8.10
N LEU A 439 28.25 -3.19 8.00
CA LEU A 439 28.97 -1.93 7.98
C LEU A 439 28.55 -1.06 6.81
N LEU A 440 28.36 -1.68 5.65
CA LEU A 440 27.96 -0.95 4.46
C LEU A 440 26.56 -0.33 4.64
N ILE A 441 25.62 -1.11 5.15
CA ILE A 441 24.29 -0.59 5.46
C ILE A 441 24.37 0.58 6.46
N GLU A 442 25.15 0.41 7.52
CA GLU A 442 25.28 1.47 8.51
C GLU A 442 25.83 2.75 7.87
N SER A 443 26.83 2.59 7.01
CA SER A 443 27.41 3.72 6.27
C SER A 443 26.38 4.41 5.38
N ALA A 444 25.40 3.65 4.90
CA ALA A 444 24.42 4.21 3.98
C ALA A 444 23.23 4.86 4.67
N VAL A 445 22.80 4.30 5.79
CA VAL A 445 21.54 4.77 6.40
C VAL A 445 21.63 5.44 7.78
N LYS A 446 22.77 5.36 8.47
CA LYS A 446 22.89 6.01 9.78
C LYS A 446 23.09 7.51 9.67
N ASN A 447 22.55 8.25 10.63
CA ASN A 447 22.78 9.69 10.73
C ASN A 447 24.25 9.98 10.93
N GLU A 448 24.89 9.21 11.80
CA GLU A 448 26.32 9.31 12.01
C GLU A 448 26.98 8.14 11.32
N TRP A 449 27.44 8.37 10.10
CA TRP A 449 27.83 7.31 9.19
C TRP A 449 29.34 7.23 8.97
N GLU A 450 30.06 8.29 9.30
CA GLU A 450 31.47 8.38 8.92
C GLU A 450 32.33 7.31 9.59
N GLU A 451 32.10 7.08 10.88
CA GLU A 451 32.84 6.05 11.59
C GLU A 451 32.65 4.66 10.96
N SER A 452 31.40 4.35 10.58
CA SER A 452 31.10 3.09 9.91
C SER A 452 31.80 2.98 8.57
N LEU A 453 31.77 4.07 7.81
CA LEU A 453 32.39 4.07 6.49
C LEU A 453 33.91 3.92 6.59
N LEU A 454 34.52 4.52 7.61
CA LEU A 454 35.95 4.40 7.79
C LEU A 454 36.31 2.94 8.04
N LYS A 455 35.53 2.28 8.92
CA LYS A 455 35.71 0.86 9.18
C LYS A 455 35.49 0.04 7.91
N LEU A 456 34.45 0.38 7.15
CA LEU A 456 34.14 -0.34 5.91
C LEU A 456 35.32 -0.32 4.94
N VAL A 457 35.85 0.88 4.68
CA VAL A 457 36.87 1.07 3.67
C VAL A 457 38.18 0.36 4.06
N SER A 458 38.37 0.19 5.37
CA SER A 458 39.56 -0.48 5.87
C SER A 458 39.41 -2.00 5.89
N SER A 459 38.18 -2.48 5.67
CA SER A 459 37.90 -3.90 5.75
C SER A 459 38.49 -4.67 4.57
N ALA A 460 38.69 -5.96 4.76
CA ALA A 460 39.27 -6.83 3.74
C ALA A 460 38.34 -6.99 2.55
N GLY A 461 37.06 -7.21 2.84
CA GLY A 461 36.05 -7.42 1.82
C GLY A 461 35.90 -6.22 0.90
N TRP A 462 35.97 -5.01 1.46
CA TRP A 462 35.83 -3.81 0.64
C TRP A 462 37.05 -3.63 -0.25
N GLN A 463 38.24 -3.82 0.31
CA GLN A 463 39.47 -3.71 -0.46
C GLN A 463 39.46 -4.72 -1.60
N THR A 464 38.88 -5.88 -1.34
CA THR A 464 38.76 -6.92 -2.34
C THR A 464 37.80 -6.50 -3.45
N LEU A 465 36.68 -5.89 -3.07
CA LEU A 465 35.72 -5.37 -4.04
C LEU A 465 36.38 -4.31 -4.93
N VAL A 466 37.11 -3.39 -4.31
CA VAL A 466 37.75 -2.31 -5.05
C VAL A 466 38.77 -2.88 -6.04
N MET A 467 39.53 -3.89 -5.62
CA MET A 467 40.50 -4.53 -6.51
C MET A 467 39.82 -5.25 -7.68
N ILE A 468 38.71 -5.92 -7.40
CA ILE A 468 37.95 -6.61 -8.43
C ILE A 468 37.48 -5.61 -9.48
N LEU A 469 37.01 -4.45 -9.02
CA LEU A 469 36.60 -3.39 -9.93
C LEU A 469 37.77 -2.89 -10.76
N GLN A 470 38.90 -2.60 -10.10
CA GLN A 470 40.10 -2.12 -10.79
C GLN A 470 40.51 -3.04 -11.93
N GLU A 471 40.38 -4.35 -11.70
CA GLU A 471 40.87 -5.34 -12.65
C GLU A 471 39.79 -5.78 -13.64
N SER A 472 38.69 -5.03 -13.67
CA SER A 472 37.62 -5.28 -14.64
C SER A 472 37.56 -4.16 -15.67
N GLY A 473 37.08 -4.48 -16.86
CA GLY A 473 36.90 -3.48 -17.91
C GLY A 473 38.07 -3.43 -18.89
N MET B 5 -25.28 -1.02 -20.25
CA MET B 5 -25.95 -2.21 -19.76
C MET B 5 -25.12 -2.91 -18.69
N GLU B 6 -24.81 -4.18 -18.90
CA GLU B 6 -23.94 -4.88 -17.96
C GLU B 6 -22.75 -5.55 -18.65
N PRO B 7 -21.64 -5.64 -17.91
CA PRO B 7 -20.38 -6.15 -18.48
C PRO B 7 -20.31 -7.67 -18.51
N ALA B 8 -19.29 -8.18 -19.17
CA ALA B 8 -19.02 -9.62 -19.12
C ALA B 8 -17.89 -9.87 -18.14
N LYS B 9 -17.73 -11.11 -17.73
CA LYS B 9 -16.62 -11.44 -16.85
C LYS B 9 -15.30 -11.30 -17.62
N LEU B 10 -14.34 -10.61 -17.00
CA LEU B 10 -12.99 -10.49 -17.51
C LEU B 10 -12.03 -10.98 -16.43
N ASP B 11 -11.83 -12.29 -16.39
CA ASP B 11 -11.09 -12.92 -15.31
C ASP B 11 -9.63 -13.15 -15.70
N LEU B 12 -8.80 -12.12 -15.52
CA LEU B 12 -7.39 -12.20 -15.88
C LEU B 12 -6.59 -12.84 -14.76
N PRO B 13 -5.57 -13.62 -15.11
CA PRO B 13 -4.76 -14.26 -14.07
C PRO B 13 -4.06 -13.27 -13.17
N GLU B 14 -3.84 -13.66 -11.92
CA GLU B 14 -3.02 -12.89 -11.00
C GLU B 14 -1.71 -12.51 -11.68
N GLY B 15 -1.30 -11.26 -11.50
CA GLY B 15 -0.04 -10.82 -12.07
C GLY B 15 -0.16 -10.24 -13.48
N GLN B 16 -1.34 -10.34 -14.09
CA GLN B 16 -1.55 -9.67 -15.37
C GLN B 16 -2.36 -8.40 -15.17
N LEU B 17 -1.80 -7.28 -15.58
CA LEU B 17 -2.49 -6.00 -15.47
C LEU B 17 -2.90 -5.50 -16.85
N PHE B 18 -4.11 -4.97 -16.95
CA PHE B 18 -4.61 -4.46 -18.23
C PHE B 18 -5.28 -3.09 -18.08
N PHE B 19 -4.90 -2.15 -18.94
CA PHE B 19 -5.40 -0.78 -18.87
C PHE B 19 -6.07 -0.31 -20.17
N GLY B 20 -6.14 -1.18 -21.16
CA GLY B 20 -6.60 -0.79 -22.49
C GLY B 20 -8.11 -0.67 -22.64
N PHE B 21 -8.78 -0.26 -21.57
CA PHE B 21 -10.21 -0.03 -21.64
C PHE B 21 -10.50 1.20 -22.46
N PRO B 22 -11.51 1.11 -23.33
CA PRO B 22 -11.94 2.27 -24.12
C PRO B 22 -12.28 3.43 -23.21
N MET B 23 -11.86 4.64 -23.58
CA MET B 23 -12.23 5.83 -22.83
C MET B 23 -13.63 6.28 -23.22
ZN ZN C . -21.71 23.83 26.66
ZN ZN D . -23.24 -27.02 8.25
C1 GOL E . -2.84 13.98 17.80
O1 GOL E . -3.07 13.08 18.85
C2 GOL E . -3.42 13.37 16.53
O2 GOL E . -4.79 13.19 16.75
C3 GOL E . -3.21 14.28 15.33
O3 GOL E . -3.10 13.46 14.18
C1 GOL F . -6.78 15.91 17.25
O1 GOL F . -7.09 14.54 17.12
C2 GOL F . -6.08 16.40 15.99
O2 GOL F . -6.91 16.20 14.86
C3 GOL F . -5.77 17.89 16.12
O3 GOL F . -4.94 18.27 15.03
C1 GOL G . 17.80 4.32 -12.70
O1 GOL G . 17.88 3.05 -13.32
C2 GOL G . 19.21 4.84 -12.42
O2 GOL G . 19.11 6.10 -11.78
C3 GOL G . 19.98 4.98 -13.72
O3 GOL G . 21.36 5.04 -13.45
C1 GOL H . -18.52 -18.13 9.01
O1 GOL H . -19.03 -17.69 10.25
C2 GOL H . -19.65 -18.68 8.15
O2 GOL H . -20.87 -18.08 8.53
C3 GOL H . -19.38 -18.38 6.68
O3 GOL H . -19.32 -16.98 6.47
C1 GOL I . -6.23 2.17 19.83
O1 GOL I . -6.76 3.18 18.98
C2 GOL I . -7.03 2.01 21.12
O2 GOL I . -8.42 2.01 20.88
C3 GOL I . -6.68 3.14 22.07
O3 GOL I . -7.54 3.15 23.19
C1 GOL J . 10.30 9.40 9.02
O1 GOL J . 10.78 8.26 8.35
C2 GOL J . 9.16 10.02 8.24
O2 GOL J . 8.03 10.13 9.09
C3 GOL J . 9.54 11.42 7.76
O3 GOL J . 9.19 11.60 6.39
C1 GOL K . -17.04 9.13 7.44
O1 GOL K . -15.99 8.28 7.84
C2 GOL K . -16.52 10.56 7.35
O2 GOL K . -15.12 10.53 7.13
C3 GOL K . -17.20 11.30 6.20
O3 GOL K . -16.46 12.47 5.91
C1 GOL L . -6.00 9.67 -4.45
O1 GOL L . -6.68 9.22 -3.30
C2 GOL L . -5.30 10.99 -4.18
O2 GOL L . -5.04 11.67 -5.40
C3 GOL L . -4.01 10.76 -3.41
O3 GOL L . -2.87 10.68 -4.24
C1 GOL M . -18.83 -35.17 -2.99
O1 GOL M . -18.02 -35.14 -1.83
C2 GOL M . -17.92 -35.03 -4.21
O2 GOL M . -18.26 -33.88 -4.95
C3 GOL M . -18.13 -36.26 -5.09
O3 GOL M . -17.42 -37.35 -4.52
C1 GOL N . -17.85 2.35 -24.99
O1 GOL N . -17.70 1.34 -25.95
C2 GOL N . -16.65 3.30 -25.00
O2 GOL N . -16.29 3.61 -26.33
C3 GOL N . -17.01 4.58 -24.26
O3 GOL N . -17.08 4.34 -22.88
C1 GOL O . -5.14 -9.24 -12.21
O1 GOL O . -4.34 -8.15 -11.80
C2 GOL O . -6.43 -9.23 -11.41
O2 GOL O . -6.15 -8.70 -10.14
C3 GOL O . -6.92 -10.66 -11.23
O3 GOL O . -8.18 -10.78 -11.84
#